data_3KXM
#
_entry.id   3KXM
#
_cell.length_a   142.185
_cell.length_b   60.533
_cell.length_c   45.873
_cell.angle_alpha   90.000
_cell.angle_beta   103.040
_cell.angle_gamma   90.000
#
_symmetry.space_group_name_H-M   'C 1 2 1'
#
loop_
_entity.id
_entity.type
_entity.pdbx_description
1 polymer 'Casein kinase II subunit alpha'
2 non-polymer N-methyl-2-[(4,5,6,7-tetrabromo-1-methyl-1H-benzimidazol-2-yl)sulfanyl]acetamide
3 water water
#
_entity_poly.entity_id   1
_entity_poly.type   'polypeptide(L)'
_entity_poly.pdbx_seq_one_letter_code
;SKARVYADVNVLRPKEYWDYEALTVQWGEQDDYEVVRKVGRGKYSEVFEGINVNNNEKCIIKILKPVKKKKIKREIKILQ
NLCGGPNIVKLLDIVRDQHSKTPSLIFEYVNNTDFKVLYPTLTDYDIRYYIYELLKALDYCHSQGIMHRDVKPHNVMIDH
ELRKLRLIDWGLAEFYHPGKEYNVRVASRYFKGPELLVDLQDYDYSLDMWSLGCMFAGMIFRKEPFFYGHDNHDQLVKIA
KVLGTDGLNVYLNKYRIELDPQLEALVGRHSRKPWLKFMNADNQHLVSPEAIDFLDKLLRYDHQERLTALEAMTHPYFQQ
VRAAENS
;
_entity_poly.pdbx_strand_id   A
#
# COMPACT_ATOMS: atom_id res chain seq x y z
N SER A 1 17.36 0.47 13.31
CA SER A 1 16.51 -0.46 12.49
C SER A 1 16.90 -0.39 11.01
N LYS A 2 17.15 -1.56 10.40
CA LYS A 2 17.29 -1.66 8.96
C LYS A 2 16.47 -2.83 8.44
N ALA A 3 16.13 -2.75 7.14
CA ALA A 3 15.31 -3.74 6.47
C ALA A 3 16.06 -5.06 6.53
N ARG A 4 15.31 -6.16 6.69
CA ARG A 4 15.90 -7.47 6.69
C ARG A 4 16.15 -8.03 5.29
N VAL A 5 15.50 -7.48 4.25
CA VAL A 5 15.72 -7.87 2.85
C VAL A 5 15.89 -6.52 2.03
N TYR A 6 16.66 -6.58 0.95
CA TYR A 6 16.74 -5.51 -0.10
C TYR A 6 17.22 -4.20 0.52
N ALA A 7 18.09 -4.33 1.52
CA ALA A 7 18.64 -3.13 2.19
C ALA A 7 19.70 -2.42 1.33
N ASP A 8 20.28 -3.12 0.38
CA ASP A 8 21.41 -2.56 -0.30
C ASP A 8 21.08 -2.25 -1.77
N VAL A 9 19.80 -2.25 -2.12
CA VAL A 9 19.39 -2.03 -3.52
C VAL A 9 19.84 -0.67 -4.09
N ASN A 10 19.42 0.41 -3.45
CA ASN A 10 19.79 1.78 -3.84
C ASN A 10 21.28 2.12 -3.60
N VAL A 11 21.92 1.44 -2.66
CA VAL A 11 23.37 1.54 -2.44
C VAL A 11 24.19 1.03 -3.61
N LEU A 12 23.78 -0.06 -4.26
CA LEU A 12 24.55 -0.57 -5.41
C LEU A 12 24.16 0.05 -6.75
N ARG A 13 23.01 0.70 -6.80
CA ARG A 13 22.56 1.24 -8.10
C ARG A 13 23.16 2.65 -8.27
N PRO A 14 23.31 3.09 -9.53
CA PRO A 14 23.87 4.43 -9.75
C PRO A 14 22.91 5.53 -9.23
N LYS A 15 23.48 6.66 -8.84
CA LYS A 15 22.76 7.73 -8.15
C LYS A 15 21.49 8.14 -8.87
N GLU A 16 21.55 8.08 -10.20
CA GLU A 16 20.45 8.53 -11.03
C GLU A 16 19.17 7.72 -10.84
N TYR A 17 19.31 6.43 -10.55
CA TYR A 17 18.17 5.59 -10.17
C TYR A 17 17.28 6.24 -9.06
N TRP A 18 17.90 6.67 -7.97
CA TRP A 18 17.18 7.13 -6.77
C TRP A 18 17.21 8.64 -6.51
N ASP A 19 18.06 9.33 -7.25
CA ASP A 19 18.22 10.79 -7.10
C ASP A 19 17.10 11.42 -7.91
N TYR A 20 15.88 11.35 -7.39
CA TYR A 20 14.73 11.77 -8.18
C TYR A 20 14.71 13.27 -8.42
N GLU A 21 15.34 14.03 -7.53
CA GLU A 21 15.38 15.51 -7.65
C GLU A 21 16.17 16.00 -8.86
N ALA A 22 17.01 15.14 -9.44
CA ALA A 22 17.78 15.44 -10.64
C ALA A 22 17.08 15.02 -11.96
N LEU A 23 15.85 14.48 -11.85
CA LEU A 23 15.04 14.12 -13.02
C LEU A 23 14.62 15.39 -13.76
N THR A 24 14.61 15.36 -15.09
CA THR A 24 14.02 16.49 -15.81
C THR A 24 12.83 15.94 -16.61
N VAL A 25 11.64 16.44 -16.31
CA VAL A 25 10.42 15.88 -16.89
C VAL A 25 10.35 16.16 -18.38
N GLN A 26 10.08 15.13 -19.17
CA GLN A 26 9.91 15.30 -20.62
C GLN A 26 8.42 15.29 -20.92
N TRP A 27 7.83 16.47 -20.89
CA TRP A 27 6.39 16.65 -21.02
C TRP A 27 5.87 16.24 -22.39
N GLY A 28 4.86 15.40 -22.41
CA GLY A 28 4.24 14.96 -23.67
C GLY A 28 3.31 16.04 -24.20
N GLU A 29 2.30 15.61 -24.97
CA GLU A 29 1.32 16.50 -25.61
C GLU A 29 -0.07 16.43 -24.98
N GLN A 30 -0.47 17.50 -24.27
CA GLN A 30 -1.77 17.50 -23.60
C GLN A 30 -2.92 17.04 -24.50
N ASP A 31 -2.94 17.55 -25.75
CA ASP A 31 -4.02 17.22 -26.66
C ASP A 31 -4.20 15.78 -27.02
N ASP A 32 -3.18 14.94 -26.83
CA ASP A 32 -3.32 13.56 -27.27
C ASP A 32 -4.40 12.85 -26.45
N TYR A 33 -4.75 13.40 -25.28
CA TYR A 33 -5.58 12.66 -24.29
C TYR A 33 -6.83 13.44 -23.91
N GLU A 34 -7.99 12.86 -24.11
CA GLU A 34 -9.18 13.60 -23.80
C GLU A 34 -9.90 13.01 -22.64
N VAL A 35 -10.36 13.86 -21.74
CA VAL A 35 -11.12 13.39 -20.59
C VAL A 35 -12.48 12.88 -21.04
N VAL A 36 -12.83 11.68 -20.63
CA VAL A 36 -14.13 11.12 -21.00
C VAL A 36 -15.17 11.15 -19.83
N ARG A 37 -14.76 10.82 -18.62
CA ARG A 37 -15.66 10.87 -17.45
C ARG A 37 -14.85 10.77 -16.16
N LYS A 38 -15.32 11.48 -15.13
CA LYS A 38 -14.66 11.41 -13.83
C LYS A 38 -14.79 10.00 -13.28
N VAL A 39 -13.74 9.43 -12.70
CA VAL A 39 -13.90 8.11 -12.09
C VAL A 39 -13.57 8.14 -10.60
N GLY A 40 -12.90 9.17 -10.15
CA GLY A 40 -12.53 9.26 -8.75
C GLY A 40 -11.84 10.55 -8.39
N ARG A 41 -11.50 10.64 -7.12
CA ARG A 41 -10.92 11.82 -6.55
C ARG A 41 -10.35 11.48 -5.19
N GLY A 42 -9.32 12.21 -4.80
CA GLY A 42 -8.84 12.16 -3.43
C GLY A 42 -8.25 13.51 -3.07
N LYS A 43 -7.55 13.53 -1.93
CA LYS A 43 -6.93 14.76 -1.41
C LYS A 43 -5.99 15.45 -2.42
N TYR A 44 -5.29 14.69 -3.27
CA TYR A 44 -4.23 15.23 -4.14
C TYR A 44 -4.49 15.17 -5.63
N SER A 45 -5.60 14.59 -6.06
CA SER A 45 -5.82 14.49 -7.49
C SER A 45 -7.26 14.21 -7.78
N GLU A 46 -7.61 14.44 -9.06
CA GLU A 46 -8.82 13.97 -9.69
C GLU A 46 -8.46 12.99 -10.81
N VAL A 47 -9.32 12.01 -11.01
CA VAL A 47 -8.94 10.86 -11.84
C VAL A 47 -10.07 10.65 -12.83
N PHE A 48 -9.72 10.49 -14.12
CA PHE A 48 -10.70 10.39 -15.20
C PHE A 48 -10.38 9.22 -16.11
N GLU A 49 -11.40 8.54 -16.59
CA GLU A 49 -11.22 7.73 -17.77
C GLU A 49 -10.98 8.70 -18.93
N GLY A 50 -10.12 8.29 -19.84
CA GLY A 50 -9.74 9.12 -20.96
C GLY A 50 -9.63 8.32 -22.24
N ILE A 51 -9.33 9.04 -23.32
CA ILE A 51 -8.99 8.46 -24.62
C ILE A 51 -7.66 9.08 -25.13
N ASN A 52 -6.82 8.22 -25.67
CA ASN A 52 -5.71 8.64 -26.51
C ASN A 52 -6.31 8.90 -27.90
N VAL A 53 -6.32 10.16 -28.33
CA VAL A 53 -6.96 10.54 -29.63
C VAL A 53 -6.16 10.00 -30.83
N ASN A 54 -4.86 9.79 -30.62
CA ASN A 54 -3.98 9.23 -31.69
C ASN A 54 -4.40 7.84 -32.12
N ASN A 55 -4.57 6.96 -31.13
CA ASN A 55 -4.88 5.55 -31.36
C ASN A 55 -6.25 5.09 -30.86
N ASN A 56 -7.05 5.99 -30.28
CA ASN A 56 -8.38 5.65 -29.71
C ASN A 56 -8.44 4.57 -28.59
N GLU A 57 -7.31 4.35 -27.92
CA GLU A 57 -7.12 3.43 -26.79
C GLU A 57 -7.54 4.17 -25.53
N LYS A 58 -8.30 3.51 -24.66
CA LYS A 58 -8.62 4.07 -23.34
C LYS A 58 -7.37 4.32 -22.51
N CYS A 59 -7.49 5.24 -21.55
CA CYS A 59 -6.45 5.49 -20.59
C CYS A 59 -7.07 6.02 -19.29
N ILE A 60 -6.22 6.18 -18.27
CA ILE A 60 -6.52 6.94 -17.06
C ILE A 60 -5.75 8.22 -17.05
N ILE A 61 -6.46 9.32 -16.75
CA ILE A 61 -5.85 10.62 -16.66
C ILE A 61 -5.90 11.07 -15.21
N LYS A 62 -4.73 11.30 -14.62
CA LYS A 62 -4.72 11.74 -13.22
C LYS A 62 -4.37 13.18 -13.20
N ILE A 63 -5.32 14.09 -12.90
CA ILE A 63 -4.98 15.54 -12.89
C ILE A 63 -4.55 15.93 -11.50
N LEU A 64 -3.32 16.40 -11.37
CA LEU A 64 -2.79 16.66 -10.02
C LEU A 64 -3.24 18.01 -9.48
N LYS A 65 -3.69 18.04 -8.24
CA LYS A 65 -3.93 19.28 -7.56
C LYS A 65 -2.56 19.93 -7.32
N PRO A 66 -2.51 21.25 -7.02
CA PRO A 66 -1.19 21.93 -6.89
C PRO A 66 -0.19 21.24 -5.96
N VAL A 67 0.98 20.91 -6.50
CA VAL A 67 1.96 20.08 -5.79
C VAL A 67 3.38 20.59 -6.02
N LYS A 68 4.19 20.54 -4.95
CA LYS A 68 5.62 20.89 -5.03
C LYS A 68 6.35 20.03 -6.06
N LYS A 69 7.24 20.65 -6.84
CA LYS A 69 8.00 19.94 -7.87
C LYS A 69 8.82 18.76 -7.34
N LYS A 70 9.50 18.93 -6.19
CA LYS A 70 10.19 17.84 -5.50
C LYS A 70 9.33 16.56 -5.45
N LYS A 71 8.09 16.71 -5.00
CA LYS A 71 7.16 15.62 -4.73
C LYS A 71 6.55 15.03 -6.01
N ILE A 72 6.21 15.85 -7.01
CA ILE A 72 5.81 15.22 -8.28
C ILE A 72 6.95 14.51 -8.99
N LYS A 73 8.18 15.00 -8.87
CA LYS A 73 9.27 14.25 -9.49
C LYS A 73 9.50 12.89 -8.79
N ARG A 74 9.17 12.83 -7.49
CA ARG A 74 9.43 11.59 -6.71
C ARG A 74 8.48 10.53 -7.26
N GLU A 75 7.21 10.91 -7.49
CA GLU A 75 6.15 10.03 -7.97
C GLU A 75 6.46 9.60 -9.39
N ILE A 76 6.78 10.56 -10.28
CA ILE A 76 7.28 10.27 -11.61
C ILE A 76 8.53 9.35 -11.69
N LYS A 77 9.55 9.63 -10.88
CA LYS A 77 10.77 8.82 -10.91
C LYS A 77 10.48 7.34 -10.51
N ILE A 78 9.60 7.17 -9.51
CA ILE A 78 9.25 5.86 -8.91
C ILE A 78 8.44 5.08 -9.96
N LEU A 79 7.52 5.79 -10.60
CA LEU A 79 6.73 5.22 -11.67
C LEU A 79 7.60 4.76 -12.82
N GLN A 80 8.54 5.57 -13.29
CA GLN A 80 9.41 5.14 -14.35
C GLN A 80 10.22 3.92 -13.91
N ASN A 81 10.75 3.97 -12.69
CA ASN A 81 11.61 2.87 -12.19
C ASN A 81 10.84 1.55 -12.14
N LEU A 82 9.56 1.55 -11.76
CA LEU A 82 8.75 0.34 -11.67
C LEU A 82 7.91 -0.07 -12.89
N CYS A 83 7.79 0.83 -13.87
CA CYS A 83 7.08 0.55 -15.11
C CYS A 83 7.46 -0.83 -15.69
N GLY A 84 6.50 -1.72 -15.87
CA GLY A 84 6.80 -3.06 -16.40
C GLY A 84 6.85 -4.20 -15.40
N GLY A 85 7.15 -3.88 -14.14
CA GLY A 85 6.97 -4.81 -13.02
C GLY A 85 5.60 -5.43 -12.85
N PRO A 86 5.54 -6.65 -12.26
CA PRO A 86 4.33 -7.39 -12.03
C PRO A 86 3.27 -6.58 -11.31
N ASN A 87 2.05 -6.51 -11.84
CA ASN A 87 0.95 -5.73 -11.21
C ASN A 87 1.16 -4.28 -10.75
N ILE A 88 2.17 -3.61 -11.27
CA ILE A 88 2.42 -2.18 -11.06
C ILE A 88 1.68 -1.38 -12.21
N VAL A 89 0.79 -0.45 -11.80
CA VAL A 89 0.21 0.52 -12.76
C VAL A 89 1.29 1.02 -13.77
N LYS A 90 0.99 1.09 -15.07
CA LYS A 90 1.96 1.59 -16.06
C LYS A 90 1.83 3.09 -16.39
N LEU A 91 2.80 3.96 -16.03
CA LEU A 91 2.76 5.34 -16.48
C LEU A 91 3.11 5.39 -17.97
N LEU A 92 2.24 6.03 -18.76
CA LEU A 92 2.42 6.12 -20.23
C LEU A 92 2.89 7.47 -20.71
N ASP A 93 2.57 8.55 -20.01
CA ASP A 93 2.88 9.91 -20.48
C ASP A 93 2.65 10.87 -19.33
N ILE A 94 3.27 12.04 -19.40
CA ILE A 94 3.14 13.09 -18.41
C ILE A 94 2.90 14.34 -19.26
N VAL A 95 1.85 15.10 -18.96
CA VAL A 95 1.50 16.28 -19.79
C VAL A 95 1.07 17.44 -18.88
N ARG A 96 1.08 18.66 -19.41
CA ARG A 96 0.76 19.84 -18.61
C ARG A 96 -0.09 20.79 -19.45
N ASP A 97 -1.05 21.43 -18.80
CA ASP A 97 -1.87 22.46 -19.42
C ASP A 97 -0.95 23.64 -19.64
N GLN A 98 -0.86 24.18 -20.85
CA GLN A 98 0.13 25.26 -21.07
C GLN A 98 -0.07 26.53 -20.25
N HIS A 99 -1.32 26.99 -20.17
CA HIS A 99 -1.65 28.19 -19.44
C HIS A 99 -1.35 28.10 -17.94
N SER A 100 -1.89 27.08 -17.28
CA SER A 100 -1.87 27.04 -15.82
C SER A 100 -0.73 26.20 -15.24
N LYS A 101 -0.12 25.38 -16.11
CA LYS A 101 0.97 24.42 -15.81
C LYS A 101 0.53 23.23 -14.94
N THR A 102 -0.76 22.94 -14.96
CA THR A 102 -1.28 21.85 -14.16
C THR A 102 -0.98 20.52 -14.82
N PRO A 103 -0.23 19.65 -14.10
CA PRO A 103 0.25 18.39 -14.66
C PRO A 103 -0.80 17.28 -14.59
N SER A 104 -0.77 16.42 -15.56
CA SER A 104 -1.65 15.25 -15.62
C SER A 104 -0.78 14.02 -15.83
N LEU A 105 -0.93 12.97 -15.02
CA LEU A 105 -0.22 11.73 -15.27
C LEU A 105 -1.13 10.83 -16.07
N ILE A 106 -0.63 10.23 -17.15
CA ILE A 106 -1.46 9.31 -17.98
C ILE A 106 -1.01 7.87 -17.80
N PHE A 107 -1.97 6.99 -17.54
CA PHE A 107 -1.71 5.59 -17.20
C PHE A 107 -2.47 4.67 -18.16
N GLU A 108 -2.10 3.38 -18.16
CA GLU A 108 -2.95 2.30 -18.71
C GLU A 108 -4.33 2.36 -18.10
N TYR A 109 -5.35 1.99 -18.87
CA TYR A 109 -6.69 1.92 -18.35
C TYR A 109 -6.87 0.59 -17.65
N VAL A 110 -7.50 0.64 -16.48
CA VAL A 110 -7.93 -0.54 -15.77
C VAL A 110 -9.38 -0.34 -15.50
N ASN A 111 -10.22 -1.27 -15.95
CA ASN A 111 -11.61 -1.17 -15.63
C ASN A 111 -11.88 -1.73 -14.26
N ASN A 112 -11.71 -0.85 -13.27
CA ASN A 112 -11.89 -1.21 -11.87
C ASN A 112 -13.33 -1.44 -11.41
N THR A 113 -13.53 -2.30 -10.43
CA THR A 113 -14.75 -2.29 -9.67
C THR A 113 -14.43 -1.88 -8.24
N ASP A 114 -15.05 -0.80 -7.77
CA ASP A 114 -14.81 -0.31 -6.41
C ASP A 114 -14.91 -1.39 -5.32
N PHE A 115 -13.95 -1.37 -4.42
CA PHE A 115 -13.84 -2.39 -3.38
C PHE A 115 -15.06 -2.55 -2.48
N LYS A 116 -15.84 -1.48 -2.27
CA LYS A 116 -16.92 -1.55 -1.28
C LYS A 116 -18.00 -2.47 -1.80
N VAL A 117 -18.08 -2.46 -3.12
CA VAL A 117 -18.96 -3.29 -3.89
C VAL A 117 -18.26 -4.63 -4.29
N LEU A 118 -17.01 -4.60 -4.76
CA LEU A 118 -16.32 -5.86 -5.17
C LEU A 118 -16.10 -6.86 -4.03
N TYR A 119 -15.59 -6.39 -2.89
CA TYR A 119 -14.98 -7.31 -1.91
C TYR A 119 -15.97 -8.27 -1.23
N PRO A 120 -17.22 -7.82 -0.93
CA PRO A 120 -18.24 -8.76 -0.44
C PRO A 120 -18.70 -9.81 -1.48
N THR A 121 -18.35 -9.67 -2.75
CA THR A 121 -18.67 -10.73 -3.75
C THR A 121 -17.52 -11.77 -3.80
N LEU A 122 -16.32 -11.44 -3.29
CA LEU A 122 -15.16 -12.36 -3.43
C LEU A 122 -15.37 -13.72 -2.73
N THR A 123 -15.22 -14.81 -3.47
CA THR A 123 -15.17 -16.18 -2.85
C THR A 123 -13.93 -16.37 -2.00
N ASP A 124 -13.83 -17.38 -1.12
CA ASP A 124 -12.52 -17.59 -0.37
C ASP A 124 -11.36 -17.70 -1.33
N TYR A 125 -11.54 -18.38 -2.44
CA TYR A 125 -10.45 -18.44 -3.42
C TYR A 125 -10.05 -17.10 -4.06
N ASP A 126 -10.98 -16.18 -4.38
CA ASP A 126 -10.58 -14.94 -5.07
C ASP A 126 -9.68 -14.01 -4.16
N ILE A 127 -10.04 -14.04 -2.89
CA ILE A 127 -9.33 -13.33 -1.80
C ILE A 127 -7.82 -13.79 -1.80
N ARG A 128 -7.64 -15.09 -1.74
CA ARG A 128 -6.31 -15.72 -1.91
C ARG A 128 -5.60 -15.20 -3.16
N TYR A 129 -6.36 -15.25 -4.25
CA TYR A 129 -5.83 -15.00 -5.51
C TYR A 129 -5.45 -13.53 -5.57
N TYR A 130 -6.35 -12.63 -5.14
CA TYR A 130 -6.04 -11.18 -5.41
C TYR A 130 -4.98 -10.71 -4.42
N ILE A 131 -5.01 -11.29 -3.25
CA ILE A 131 -3.93 -10.97 -2.22
C ILE A 131 -2.57 -11.44 -2.72
N TYR A 132 -2.51 -12.64 -3.29
CA TYR A 132 -1.26 -13.05 -4.04
C TYR A 132 -0.75 -12.11 -5.15
N GLU A 133 -1.67 -11.57 -5.96
CA GLU A 133 -1.32 -10.72 -7.07
C GLU A 133 -0.71 -9.41 -6.48
N LEU A 134 -1.38 -8.90 -5.46
CA LEU A 134 -0.94 -7.68 -4.74
C LEU A 134 0.40 -7.94 -4.07
N LEU A 135 0.53 -9.09 -3.39
CA LEU A 135 1.96 -9.46 -3.03
C LEU A 135 3.00 -9.50 -4.07
N LYS A 136 2.73 -9.93 -5.31
CA LYS A 136 3.76 -9.80 -6.38
C LYS A 136 4.22 -8.36 -6.58
N ALA A 137 3.28 -7.42 -6.47
CA ALA A 137 3.59 -6.03 -6.76
C ALA A 137 4.49 -5.53 -5.64
N LEU A 138 4.17 -5.89 -4.40
CA LEU A 138 4.92 -5.36 -3.19
C LEU A 138 6.32 -5.96 -3.21
N ASP A 139 6.39 -7.27 -3.50
CA ASP A 139 7.75 -7.87 -3.66
C ASP A 139 8.54 -7.18 -4.68
N TYR A 140 7.91 -6.88 -5.83
CA TYR A 140 8.67 -6.26 -6.90
C TYR A 140 9.08 -4.87 -6.43
N CYS A 141 8.15 -4.04 -5.88
CA CYS A 141 8.59 -2.65 -5.55
C CYS A 141 9.67 -2.66 -4.46
N HIS A 142 9.49 -3.51 -3.49
CA HIS A 142 10.50 -3.75 -2.41
C HIS A 142 11.82 -4.18 -3.05
N SER A 143 11.80 -5.15 -3.98
CA SER A 143 13.11 -5.56 -4.59
C SER A 143 13.73 -4.46 -5.40
N GLN A 144 12.96 -3.41 -5.73
CA GLN A 144 13.56 -2.31 -6.50
C GLN A 144 13.93 -1.14 -5.58
N GLY A 145 13.87 -1.32 -4.29
CA GLY A 145 14.27 -0.17 -3.42
C GLY A 145 13.16 0.78 -3.03
N ILE A 146 11.91 0.38 -3.25
CA ILE A 146 10.80 1.26 -2.98
C ILE A 146 9.76 0.79 -2.01
N MET A 147 9.34 1.66 -1.12
CA MET A 147 8.20 1.35 -0.20
C MET A 147 7.05 2.16 -0.79
N HIS A 148 5.86 1.55 -0.90
CA HIS A 148 4.70 2.20 -1.42
C HIS A 148 4.11 3.17 -0.39
N ARG A 149 4.09 2.77 0.90
CA ARG A 149 3.55 3.64 2.00
C ARG A 149 2.12 4.11 1.95
N ASP A 150 1.32 3.54 1.06
CA ASP A 150 -0.06 3.82 1.08
C ASP A 150 -0.88 2.65 0.53
N VAL A 151 -0.52 1.45 0.99
CA VAL A 151 -1.37 0.25 0.73
C VAL A 151 -2.71 0.33 1.45
N LYS A 152 -3.77 0.29 0.63
CA LYS A 152 -5.16 0.28 1.05
C LYS A 152 -6.01 -0.19 -0.14
N PRO A 153 -7.27 -0.67 0.08
CA PRO A 153 -8.11 -1.12 -1.02
C PRO A 153 -8.36 -0.06 -2.10
N HIS A 154 -8.43 1.22 -1.73
CA HIS A 154 -8.64 2.33 -2.65
C HIS A 154 -7.48 2.41 -3.65
N ASN A 155 -6.30 1.91 -3.25
CA ASN A 155 -5.11 1.96 -4.08
C ASN A 155 -4.84 0.66 -4.85
N VAL A 156 -5.80 -0.23 -4.84
CA VAL A 156 -5.63 -1.55 -5.53
C VAL A 156 -6.80 -1.64 -6.52
N MET A 157 -6.51 -1.39 -7.79
CA MET A 157 -7.46 -1.43 -8.89
C MET A 157 -7.62 -2.88 -9.34
N ILE A 158 -8.85 -3.39 -9.34
CA ILE A 158 -9.14 -4.77 -9.80
C ILE A 158 -10.15 -4.85 -10.94
N ASP A 159 -9.70 -5.30 -12.12
CA ASP A 159 -10.60 -5.74 -13.25
C ASP A 159 -10.97 -7.21 -12.98
N HIS A 160 -12.12 -7.42 -12.35
CA HIS A 160 -12.51 -8.71 -11.84
C HIS A 160 -12.94 -9.64 -12.98
N GLU A 161 -13.13 -9.12 -14.19
CA GLU A 161 -13.48 -9.96 -15.35
C GLU A 161 -12.19 -10.55 -15.92
N LEU A 162 -11.16 -9.71 -16.08
CA LEU A 162 -9.88 -10.20 -16.62
C LEU A 162 -8.98 -10.82 -15.54
N ARG A 163 -9.51 -10.93 -14.34
CA ARG A 163 -8.79 -11.30 -13.12
C ARG A 163 -7.46 -10.53 -12.93
N LYS A 164 -7.50 -9.24 -13.26
CA LYS A 164 -6.34 -8.36 -13.34
C LYS A 164 -6.28 -7.32 -12.16
N LEU A 165 -5.07 -7.11 -11.61
CA LEU A 165 -4.83 -6.23 -10.43
C LEU A 165 -3.67 -5.27 -10.71
N ARG A 166 -3.82 -3.96 -10.34
CA ARG A 166 -2.71 -3.06 -10.45
C ARG A 166 -2.60 -2.32 -9.14
N LEU A 167 -1.36 -2.18 -8.64
CA LEU A 167 -1.18 -1.32 -7.48
C LEU A 167 -0.99 0.08 -8.02
N ILE A 168 -1.85 1.01 -7.58
CA ILE A 168 -1.79 2.40 -8.03
C ILE A 168 -1.44 3.42 -6.90
N ASP A 169 -1.39 4.72 -7.30
CA ASP A 169 -1.07 5.89 -6.41
C ASP A 169 0.28 5.81 -5.63
N TRP A 170 1.37 6.05 -6.34
CA TRP A 170 2.76 5.99 -5.86
C TRP A 170 3.18 7.36 -5.34
N GLY A 171 2.19 8.22 -5.16
CA GLY A 171 2.32 9.63 -4.64
C GLY A 171 2.92 9.76 -3.22
N LEU A 172 2.72 8.75 -2.39
CA LEU A 172 3.39 8.68 -1.05
C LEU A 172 4.63 7.79 -0.96
N ALA A 173 5.01 7.20 -2.10
CA ALA A 173 6.11 6.24 -2.17
C ALA A 173 7.49 6.85 -2.03
N GLU A 174 8.43 6.06 -1.53
CA GLU A 174 9.74 6.61 -1.22
C GLU A 174 10.83 5.55 -1.43
N PHE A 175 12.05 5.99 -1.78
CA PHE A 175 13.17 5.11 -1.89
C PHE A 175 13.63 4.76 -0.49
N TYR A 176 14.16 3.54 -0.38
CA TYR A 176 14.73 2.98 0.88
C TYR A 176 16.24 3.06 1.02
N HIS A 177 16.65 3.75 2.07
CA HIS A 177 18.08 4.00 2.33
C HIS A 177 18.33 3.56 3.78
N PRO A 178 19.23 2.56 3.97
CA PRO A 178 19.44 1.94 5.28
C PRO A 178 19.55 3.03 6.34
N GLY A 179 18.66 3.05 7.33
CA GLY A 179 18.89 3.91 8.50
C GLY A 179 18.67 5.38 8.27
N LYS A 180 18.36 5.76 7.03
CA LYS A 180 17.72 7.04 6.76
C LYS A 180 16.45 7.10 7.60
N GLU A 181 16.06 8.30 7.98
CA GLU A 181 14.89 8.50 8.84
C GLU A 181 13.82 9.28 8.06
N TYR A 182 12.56 8.81 8.13
CA TYR A 182 11.42 9.19 7.24
C TYR A 182 10.29 9.90 7.95
N ASN A 183 9.50 10.68 7.19
CA ASN A 183 8.28 11.28 7.70
C ASN A 183 7.38 10.17 8.08
N VAL A 184 6.74 10.26 9.26
CA VAL A 184 5.80 9.24 9.67
C VAL A 184 4.41 9.60 9.24
N ARG A 185 4.18 10.79 8.69
CA ARG A 185 2.79 11.10 8.27
C ARG A 185 2.52 10.60 6.84
N VAL A 186 2.57 9.27 6.71
CA VAL A 186 2.27 8.61 5.45
C VAL A 186 1.13 7.62 5.69
N ALA A 187 0.81 6.80 4.66
CA ALA A 187 -0.28 5.88 4.70
C ALA A 187 -1.55 6.62 4.94
N SER A 188 -2.65 5.91 5.10
CA SER A 188 -3.91 6.52 5.46
C SER A 188 -4.22 5.94 6.82
N ARG A 189 -5.13 6.55 7.58
CA ARG A 189 -5.16 6.24 9.02
C ARG A 189 -5.34 4.75 9.40
N TYR A 190 -6.34 4.10 8.78
CA TYR A 190 -6.71 2.76 9.15
C TYR A 190 -5.66 1.75 8.85
N PHE A 191 -4.61 2.17 8.12
CA PHE A 191 -3.61 1.26 7.59
C PHE A 191 -2.26 1.63 8.08
N LYS A 192 -2.16 2.58 9.04
CA LYS A 192 -0.82 3.03 9.51
C LYS A 192 -0.32 1.95 10.48
N GLY A 193 0.97 1.65 10.32
CA GLY A 193 1.71 0.77 11.22
C GLY A 193 2.03 1.38 12.56
N PRO A 194 2.14 0.50 13.60
CA PRO A 194 2.63 0.93 14.90
C PRO A 194 3.82 1.84 14.78
N GLU A 195 4.76 1.53 13.89
CA GLU A 195 5.96 2.33 13.72
C GLU A 195 5.59 3.82 13.53
N LEU A 196 4.58 4.06 12.70
CA LEU A 196 4.08 5.39 12.39
C LEU A 196 3.43 6.02 13.61
N LEU A 197 2.53 5.29 14.30
CA LEU A 197 1.80 5.80 15.43
C LEU A 197 2.66 6.00 16.71
N VAL A 198 3.92 5.57 16.66
CA VAL A 198 4.80 5.71 17.84
C VAL A 198 6.06 6.49 17.48
N ASP A 199 6.07 7.12 16.31
CA ASP A 199 7.25 7.88 15.85
C ASP A 199 8.57 7.14 15.60
N LEU A 200 8.48 5.84 15.30
CA LEU A 200 9.66 5.17 14.81
C LEU A 200 9.84 5.57 13.34
N GLN A 201 10.91 6.32 13.07
CA GLN A 201 11.13 6.96 11.80
C GLN A 201 12.07 6.20 10.91
N ASP A 202 12.88 5.33 11.48
CA ASP A 202 13.74 4.56 10.62
C ASP A 202 12.99 3.25 10.23
N TYR A 203 11.81 3.42 9.64
CA TYR A 203 11.04 2.27 9.12
C TYR A 203 11.44 1.80 7.72
N ASP A 204 10.73 0.78 7.23
CA ASP A 204 11.16 0.20 5.96
C ASP A 204 9.98 -0.46 5.20
N TYR A 205 10.30 -1.30 4.22
CA TYR A 205 9.27 -2.03 3.45
C TYR A 205 8.32 -2.72 4.26
N SER A 206 8.77 -3.25 5.40
CA SER A 206 7.79 -3.89 6.34
C SER A 206 6.58 -3.08 6.67
N LEU A 207 6.60 -1.75 6.50
CA LEU A 207 5.40 -0.97 6.77
C LEU A 207 4.24 -1.33 5.85
N ASP A 208 4.53 -1.68 4.57
CA ASP A 208 3.47 -2.05 3.60
C ASP A 208 2.85 -3.37 3.99
N MET A 209 3.63 -4.20 4.68
CA MET A 209 3.07 -5.56 5.16
C MET A 209 2.05 -5.44 6.25
N TRP A 210 2.18 -4.45 7.16
CA TRP A 210 1.18 -4.13 8.20
C TRP A 210 -0.07 -3.70 7.41
N SER A 211 0.15 -2.78 6.45
CA SER A 211 -1.00 -2.20 5.77
C SER A 211 -1.69 -3.33 5.04
N LEU A 212 -0.91 -4.22 4.40
CA LEU A 212 -1.57 -5.38 3.70
C LEU A 212 -2.30 -6.25 4.68
N GLY A 213 -1.74 -6.50 5.88
CA GLY A 213 -2.46 -7.29 6.88
C GLY A 213 -3.73 -6.62 7.30
N CYS A 214 -3.74 -5.28 7.38
CA CYS A 214 -5.06 -4.62 7.74
C CYS A 214 -6.11 -4.87 6.66
N MET A 215 -5.66 -4.75 5.41
CA MET A 215 -6.55 -4.91 4.27
C MET A 215 -7.08 -6.33 4.31
N PHE A 216 -6.18 -7.29 4.51
CA PHE A 216 -6.56 -8.71 4.53
C PHE A 216 -7.49 -9.05 5.68
N ALA A 217 -7.19 -8.61 6.91
CA ALA A 217 -8.13 -8.82 8.04
C ALA A 217 -9.53 -8.26 7.73
N GLY A 218 -9.55 -7.04 7.17
CA GLY A 218 -10.82 -6.46 6.62
C GLY A 218 -11.57 -7.39 5.69
N MET A 219 -10.86 -8.06 4.81
CA MET A 219 -11.47 -8.97 3.82
C MET A 219 -11.95 -10.25 4.40
N ILE A 220 -11.12 -11.00 5.14
CA ILE A 220 -11.59 -12.28 5.69
C ILE A 220 -12.64 -12.17 6.82
N PHE A 221 -12.51 -11.12 7.63
CA PHE A 221 -13.49 -10.88 8.70
C PHE A 221 -14.67 -9.98 8.29
N ARG A 222 -14.68 -9.44 7.06
CA ARG A 222 -15.80 -8.63 6.55
C ARG A 222 -16.07 -7.50 7.51
N LYS A 223 -15.04 -6.70 7.73
CA LYS A 223 -15.04 -5.60 8.70
C LYS A 223 -14.06 -4.55 8.16
N GLU A 224 -14.60 -3.62 7.36
CA GLU A 224 -13.78 -2.60 6.64
C GLU A 224 -14.14 -1.21 7.24
N PRO A 225 -13.15 -0.44 7.78
CA PRO A 225 -11.78 -0.86 8.04
C PRO A 225 -11.66 -1.71 9.32
N PHE A 226 -10.58 -2.47 9.41
CA PHE A 226 -10.41 -3.37 10.51
C PHE A 226 -10.08 -2.65 11.83
N PHE A 227 -9.08 -1.77 11.78
CA PHE A 227 -8.74 -1.00 12.93
C PHE A 227 -9.39 0.36 12.67
N TYR A 228 -10.54 0.63 13.32
CA TYR A 228 -11.31 1.88 13.06
C TYR A 228 -11.16 2.94 14.14
N GLY A 229 -10.04 3.66 14.09
CA GLY A 229 -9.77 4.76 15.00
C GLY A 229 -10.04 6.13 14.37
N HIS A 230 -10.29 7.12 15.23
CA HIS A 230 -10.78 8.43 14.78
C HIS A 230 -9.65 9.39 14.45
N ASP A 231 -8.62 9.45 15.28
CA ASP A 231 -7.43 10.24 14.96
C ASP A 231 -6.27 9.31 15.24
N ASN A 232 -5.04 9.78 15.10
CA ASN A 232 -3.89 8.90 15.21
C ASN A 232 -3.80 8.20 16.56
N HIS A 233 -3.84 8.96 17.65
CA HIS A 233 -3.88 8.33 18.97
C HIS A 233 -4.97 7.26 19.04
N ASP A 234 -6.15 7.50 18.50
CA ASP A 234 -7.21 6.53 18.64
C ASP A 234 -6.83 5.29 17.81
N GLN A 235 -5.99 5.51 16.79
CA GLN A 235 -5.57 4.41 15.91
C GLN A 235 -4.70 3.40 16.69
N LEU A 236 -3.71 3.88 17.43
CA LEU A 236 -2.93 2.97 18.24
C LEU A 236 -3.74 2.25 19.34
N VAL A 237 -4.73 2.92 19.96
CA VAL A 237 -5.63 2.27 20.95
C VAL A 237 -6.39 1.07 20.34
N LYS A 238 -6.97 1.30 19.14
CA LYS A 238 -7.69 0.26 18.44
C LYS A 238 -6.80 -0.96 18.15
N ILE A 239 -5.54 -0.73 17.85
CA ILE A 239 -4.64 -1.84 17.61
C ILE A 239 -4.41 -2.54 18.96
N ALA A 240 -3.86 -1.78 19.93
CA ALA A 240 -3.60 -2.25 21.34
C ALA A 240 -4.67 -3.15 21.92
N LYS A 241 -5.94 -2.86 21.62
CA LYS A 241 -7.09 -3.57 22.14
C LYS A 241 -7.36 -4.87 21.37
N VAL A 242 -6.54 -5.13 20.34
CA VAL A 242 -6.58 -6.40 19.67
C VAL A 242 -5.29 -7.14 19.99
N LEU A 243 -4.14 -6.56 19.66
CA LEU A 243 -2.84 -7.21 19.92
C LEU A 243 -2.40 -7.26 21.41
N GLY A 244 -3.14 -6.56 22.29
CA GLY A 244 -2.77 -6.42 23.71
C GLY A 244 -1.60 -5.49 23.93
N THR A 245 -1.47 -4.96 25.15
CA THR A 245 -0.46 -3.96 25.47
C THR A 245 0.83 -4.59 25.87
N ASP A 246 0.81 -5.85 26.34
CA ASP A 246 2.06 -6.56 26.66
C ASP A 246 3.05 -6.59 25.49
N GLY A 247 2.55 -7.00 24.32
CA GLY A 247 3.36 -7.02 23.10
C GLY A 247 3.84 -5.63 22.68
N LEU A 248 3.09 -4.60 23.06
CA LEU A 248 3.41 -3.21 22.71
C LEU A 248 4.59 -2.73 23.55
N ASN A 249 4.46 -2.99 24.86
CA ASN A 249 5.51 -2.68 25.79
C ASN A 249 6.86 -3.33 25.42
N VAL A 250 6.87 -4.60 24.96
CA VAL A 250 8.14 -5.23 24.54
C VAL A 250 8.70 -4.59 23.26
N TYR A 251 7.80 -4.29 22.30
CA TYR A 251 8.12 -3.49 21.10
C TYR A 251 8.79 -2.17 21.49
N LEU A 252 8.05 -1.35 22.24
CA LEU A 252 8.54 -0.07 22.80
C LEU A 252 9.98 -0.14 23.34
N ASN A 253 10.27 -1.12 24.20
CA ASN A 253 11.63 -1.20 24.81
C ASN A 253 12.76 -1.75 23.93
N LYS A 254 12.44 -2.60 22.94
CA LYS A 254 13.41 -3.09 21.96
C LYS A 254 14.00 -1.95 21.12
N TYR A 255 13.16 -1.01 20.71
CA TYR A 255 13.53 0.13 19.85
C TYR A 255 13.64 1.42 20.66
N ARG A 256 13.55 1.27 21.99
CA ARG A 256 13.95 2.33 22.94
C ARG A 256 13.06 3.54 22.78
N ILE A 257 11.76 3.31 22.75
CA ILE A 257 10.82 4.38 22.41
C ILE A 257 9.91 4.69 23.57
N GLU A 258 9.82 5.98 23.90
CA GLU A 258 8.96 6.40 24.98
C GLU A 258 7.70 6.91 24.33
N LEU A 259 6.58 6.59 24.95
CA LEU A 259 5.32 6.72 24.30
C LEU A 259 4.46 7.94 24.65
N ASP A 260 5.05 9.06 25.06
CA ASP A 260 4.25 10.32 25.21
C ASP A 260 3.17 10.17 26.27
N PRO A 261 3.29 10.92 27.38
CA PRO A 261 2.37 10.76 28.51
C PRO A 261 0.91 10.55 28.12
N GLN A 262 0.36 11.43 27.28
CA GLN A 262 -1.07 11.38 26.90
C GLN A 262 -1.41 10.16 26.03
N LEU A 263 -0.47 9.76 25.17
CA LEU A 263 -0.71 8.58 24.34
C LEU A 263 -0.71 7.34 25.25
N GLU A 264 0.41 7.15 25.96
CA GLU A 264 0.54 6.18 27.04
C GLU A 264 -0.76 6.11 27.86
N ALA A 265 -1.20 7.28 28.30
CA ALA A 265 -2.43 7.40 29.06
C ALA A 265 -3.60 6.81 28.27
N LEU A 266 -3.75 7.21 27.01
CA LEU A 266 -4.89 6.73 26.18
C LEU A 266 -4.92 5.21 25.95
N VAL A 267 -3.74 4.62 25.73
CA VAL A 267 -3.64 3.19 25.38
C VAL A 267 -4.09 2.31 26.55
N GLY A 268 -3.66 2.65 27.76
CA GLY A 268 -4.07 1.89 28.96
C GLY A 268 -3.48 0.49 28.98
N ARG A 269 -4.31 -0.48 29.37
CA ARG A 269 -3.86 -1.86 29.56
C ARG A 269 -4.86 -2.83 28.92
N HIS A 270 -4.38 -3.74 28.06
CA HIS A 270 -5.30 -4.66 27.37
C HIS A 270 -4.77 -6.07 27.16
N SER A 271 -5.60 -7.07 27.41
CA SER A 271 -5.34 -8.44 27.00
C SER A 271 -5.25 -8.51 25.48
N ARG A 272 -4.45 -9.44 24.98
CA ARG A 272 -4.56 -9.84 23.58
C ARG A 272 -5.91 -10.52 23.35
N LYS A 273 -6.51 -10.25 22.20
CA LYS A 273 -7.82 -10.75 21.84
C LYS A 273 -7.63 -11.66 20.61
N PRO A 274 -7.88 -12.99 20.76
CA PRO A 274 -7.55 -14.01 19.76
C PRO A 274 -8.25 -13.74 18.44
N TRP A 275 -7.58 -14.00 17.32
CA TRP A 275 -8.16 -13.73 15.99
C TRP A 275 -9.52 -14.38 15.81
N LEU A 276 -9.70 -15.54 16.43
CA LEU A 276 -10.96 -16.29 16.32
C LEU A 276 -12.19 -15.55 16.87
N LYS A 277 -11.95 -14.58 17.75
CA LYS A 277 -13.06 -13.76 18.27
C LYS A 277 -13.76 -12.91 17.24
N PHE A 278 -13.11 -12.67 16.10
CA PHE A 278 -13.74 -11.88 15.01
C PHE A 278 -14.61 -12.73 14.07
N MET A 279 -14.61 -14.06 14.29
CA MET A 279 -15.42 -14.97 13.48
C MET A 279 -16.91 -14.83 13.79
N ASN A 280 -17.71 -14.77 12.74
CA ASN A 280 -19.16 -14.75 12.86
C ASN A 280 -19.71 -15.48 11.64
N ALA A 281 -21.03 -15.61 11.53
CA ALA A 281 -21.64 -16.33 10.42
C ALA A 281 -21.36 -15.72 9.03
N ASP A 282 -21.36 -14.39 8.93
CA ASP A 282 -21.15 -13.72 7.65
C ASP A 282 -19.73 -14.00 7.11
N ASN A 283 -18.79 -14.29 8.01
CA ASN A 283 -17.38 -14.34 7.64
C ASN A 283 -16.76 -15.73 7.75
N GLN A 284 -17.48 -16.63 8.42
CA GLN A 284 -17.08 -18.02 8.67
C GLN A 284 -16.52 -18.77 7.45
N HIS A 285 -17.07 -18.54 6.24
CA HIS A 285 -16.54 -19.24 5.04
C HIS A 285 -15.15 -18.75 4.56
N LEU A 286 -14.55 -17.83 5.29
CA LEU A 286 -13.28 -17.24 4.89
C LEU A 286 -12.21 -17.33 5.95
N VAL A 287 -12.51 -17.84 7.15
CA VAL A 287 -11.56 -17.74 8.27
C VAL A 287 -10.88 -19.03 8.85
N SER A 288 -10.55 -19.93 7.93
CA SER A 288 -9.70 -21.09 8.16
C SER A 288 -8.36 -20.86 8.93
N PRO A 289 -7.82 -21.96 9.53
CA PRO A 289 -6.52 -22.04 10.21
C PRO A 289 -5.43 -21.36 9.41
N GLU A 290 -5.40 -21.56 8.10
CA GLU A 290 -4.27 -21.03 7.27
C GLU A 290 -4.39 -19.52 7.08
N ALA A 291 -5.61 -19.04 6.88
CA ALA A 291 -5.87 -17.58 6.89
C ALA A 291 -5.42 -16.93 8.19
N ILE A 292 -5.76 -17.53 9.34
CA ILE A 292 -5.40 -16.95 10.62
C ILE A 292 -3.88 -16.96 10.84
N ASP A 293 -3.29 -18.13 10.52
CA ASP A 293 -1.83 -18.23 10.72
C ASP A 293 -1.12 -17.15 9.91
N PHE A 294 -1.54 -16.97 8.67
CA PHE A 294 -0.98 -15.95 7.80
C PHE A 294 -1.23 -14.51 8.32
N LEU A 295 -2.50 -14.20 8.63
CA LEU A 295 -2.84 -12.89 9.24
C LEU A 295 -1.93 -12.63 10.48
N ASP A 296 -1.74 -13.63 11.33
CA ASP A 296 -1.06 -13.42 12.58
C ASP A 296 0.36 -13.09 12.30
N LYS A 297 0.86 -13.59 11.17
CA LYS A 297 2.23 -13.32 10.82
C LYS A 297 2.45 -11.95 10.17
N LEU A 298 1.37 -11.28 9.78
CA LEU A 298 1.52 -9.91 9.25
C LEU A 298 1.26 -8.84 10.37
N LEU A 299 0.23 -9.00 11.15
CA LEU A 299 -0.11 -8.02 12.15
C LEU A 299 0.63 -8.24 13.46
N ARG A 300 1.90 -7.88 13.40
CA ARG A 300 2.85 -7.87 14.53
C ARG A 300 3.32 -6.42 14.72
N TYR A 301 3.25 -5.91 15.95
CA TYR A 301 3.87 -4.62 16.32
C TYR A 301 5.27 -4.50 15.77
N ASP A 302 6.06 -5.53 16.00
CA ASP A 302 7.43 -5.43 15.63
C ASP A 302 7.55 -5.57 14.12
N HIS A 303 7.93 -4.48 13.44
CA HIS A 303 8.00 -4.54 11.98
C HIS A 303 9.03 -5.55 11.45
N GLN A 304 10.07 -5.82 12.27
CA GLN A 304 11.13 -6.77 11.97
C GLN A 304 10.70 -8.25 11.97
N GLU A 305 9.55 -8.55 12.61
CA GLU A 305 8.95 -9.90 12.76
C GLU A 305 7.98 -10.23 11.67
N ARG A 306 7.46 -9.19 11.00
CA ARG A 306 6.41 -9.41 10.01
C ARG A 306 7.03 -10.23 8.86
N LEU A 307 6.22 -11.07 8.22
CA LEU A 307 6.70 -11.65 6.97
C LEU A 307 7.06 -10.60 5.95
N THR A 308 8.11 -10.88 5.15
CA THR A 308 8.44 -10.12 3.94
C THR A 308 7.48 -10.50 2.84
N ALA A 309 7.33 -9.68 1.82
CA ALA A 309 6.40 -10.03 0.73
C ALA A 309 6.78 -11.40 0.11
N LEU A 310 8.08 -11.66 -0.13
CA LEU A 310 8.48 -12.95 -0.71
C LEU A 310 8.06 -14.14 0.17
N GLU A 311 8.30 -14.06 1.48
CA GLU A 311 7.76 -15.09 2.45
C GLU A 311 6.30 -15.28 2.37
N ALA A 312 5.53 -14.18 2.33
CA ALA A 312 4.09 -14.28 2.42
C ALA A 312 3.63 -15.17 1.25
N MET A 313 4.21 -14.90 0.05
CA MET A 313 3.79 -15.55 -1.21
C MET A 313 3.96 -17.05 -1.11
N THR A 314 4.83 -17.50 -0.23
CA THR A 314 5.12 -18.97 -0.05
C THR A 314 4.22 -19.63 1.04
N HIS A 315 3.34 -18.87 1.71
CA HIS A 315 2.85 -19.38 2.96
C HIS A 315 1.88 -20.39 2.40
N PRO A 316 1.59 -21.51 3.15
CA PRO A 316 0.59 -22.55 2.68
C PRO A 316 -0.85 -22.04 2.33
N TYR A 317 -1.36 -21.01 3.04
CA TYR A 317 -2.51 -20.24 2.56
C TYR A 317 -2.77 -20.12 1.03
N PHE A 318 -1.75 -19.79 0.24
CA PHE A 318 -1.78 -19.59 -1.22
C PHE A 318 -1.30 -20.77 -2.00
N GLN A 319 -1.17 -21.91 -1.34
CA GLN A 319 -0.80 -23.11 -2.09
C GLN A 319 -1.64 -23.45 -3.33
N GLN A 320 -2.96 -23.30 -3.29
CA GLN A 320 -3.77 -23.55 -4.50
C GLN A 320 -3.51 -22.49 -5.57
N VAL A 321 -3.32 -21.21 -5.15
CA VAL A 321 -2.97 -20.14 -6.11
C VAL A 321 -1.66 -20.43 -6.85
N ARG A 322 -0.58 -20.79 -6.11
CA ARG A 322 0.70 -21.21 -6.74
C ARG A 322 0.50 -22.38 -7.69
N ALA A 323 -0.23 -23.39 -7.21
CA ALA A 323 -0.37 -24.59 -8.05
C ALA A 323 -1.12 -24.26 -9.37
N ALA A 324 -2.15 -23.41 -9.31
CA ALA A 324 -2.81 -22.99 -10.54
C ALA A 324 -1.84 -22.30 -11.49
N GLU A 325 -0.99 -21.45 -10.93
CA GLU A 325 0.01 -20.71 -11.67
C GLU A 325 1.12 -21.59 -12.26
N ASN A 326 1.65 -22.54 -11.48
CA ASN A 326 2.71 -23.45 -11.98
C ASN A 326 2.21 -24.36 -13.06
#